data_7YMH
#
_entry.id   7YMH
#
_cell.length_a   1.00
_cell.length_b   1.00
_cell.length_c   1.00
_cell.angle_alpha   90.00
_cell.angle_beta   90.00
_cell.angle_gamma   90.00
#
_symmetry.space_group_name_H-M   'P 1'
#
loop_
_entity.id
_entity.type
_entity.pdbx_description
1 polymer 'alpha1A-adrenergic receptor'
2 polymer miniGsq
3 polymer Nb29
4 non-polymer Noradrenaline
#
loop_
_entity_poly.entity_id
_entity_poly.type
_entity_poly.pdbx_seq_one_letter_code
_entity_poly.pdbx_strand_id
1 'polypeptide(L)'
;MKTIIALSYIFCLVFADYKDDDDAMVFLSGQASDSSQCTQPPAPVQISKAILLGVILGGLILFGVLGNILVILSVACHRH
LHSVTHYYIVNLAVADLLLTSTVLPFSAIFEVLGYWAFGRVFCNIWAAVDVLCCTASIMGLCIISIDRYIGVSYPLRYPT
IVTQRRGLMALLCVWALSLVISIGPLFGWRQPAPEDETICQINEEPGYVLFSALGSFYLPLAIILVMYCRVYVVAKRESR
GLKSGLNIFEMLRIDEGGGSGGDEAEKLFNQDVDAAVRGILRNAKLKPVYDSLDAVRRAALINMVFQMGETGVAGFTNSL
RMLQQKRWDEAAVNLAKSRWYNQTPNRAKRVITTFRTGTWDAYLKFSREKKAAKTLGIVVGCFVLCWLPFFLVMPIGSFF
PDFKPSETVFKIVFWLGYLNSCINPIIYPCSSQEFKKAFQNVLRIQCLCRKQSSKHALGYTLHPPSQAVEGQHHHHHHHH
;
A
2 'polypeptide(L)'
;MGHHHHHHHHLEVLFQGPIEKQLQKDKQVYRATHRLLLLGADNSGKSTIVKQMRILHGGSGGSGGTSGIFETKFQVDKVN
FHMFDVGGQRDERRKWIQCFNDVTAIIFVVDSSDYNRLQEALNDFKSIWNNRWLRTISVILFLNKQDLLAEKVLAGKSKI
EDYFPEFARYTTPEDATPEPGEDPRVTRAKYFIRDEFLRISTASGDGRHYCYPHFTCAVDTENARRIFNDCKDIILQMNL
REYNLV
;
B
3 'polypeptide(L)'
;MKYLLPTAAAGLLLLAAQPAMAQVQLQESGGGLVQAGGSLRLSCAASGNISAHWKMGWYRQAPGKEREFVAGIGYANTNY
ADSVKGRFTISRDNAKNTVYLQMNSLKPEDTAVYYCAAYSYYRDHSYWGQGTQVTVSSHHHHHH
;
D
#
loop_
_chem_comp.id
_chem_comp.type
_chem_comp.name
_chem_comp.formula
E5E non-polymer Noradrenaline 'C8 H12 N O3 1'
#
# COMPACT_ATOMS: atom_id res chain seq x y z
N LYS A 49 22.24 9.59 -32.18
CA LYS A 49 21.91 9.43 -30.77
C LYS A 49 20.45 9.73 -30.51
N ALA A 50 19.65 9.71 -31.58
CA ALA A 50 18.22 9.96 -31.48
C ALA A 50 17.43 8.66 -31.40
N ILE A 51 17.79 7.67 -32.23
CA ILE A 51 17.08 6.40 -32.23
C ILE A 51 17.39 5.56 -31.00
N LEU A 52 18.54 5.79 -30.36
CA LEU A 52 18.93 4.99 -29.20
C LEU A 52 18.14 5.40 -27.96
N LEU A 53 18.03 6.72 -27.72
CA LEU A 53 17.17 7.21 -26.65
C LEU A 53 15.72 6.90 -26.93
N GLY A 54 15.33 6.89 -28.21
CA GLY A 54 13.98 6.50 -28.57
C GLY A 54 13.69 5.05 -28.29
N VAL A 55 14.66 4.16 -28.54
CA VAL A 55 14.37 2.74 -28.30
C VAL A 55 14.45 2.40 -26.81
N ILE A 56 15.28 3.11 -26.02
CA ILE A 56 15.25 2.82 -24.58
C ILE A 56 14.00 3.43 -23.94
N LEU A 57 13.51 4.57 -24.45
CA LEU A 57 12.26 5.11 -23.94
C LEU A 57 11.08 4.26 -24.37
N GLY A 58 11.13 3.68 -25.57
CA GLY A 58 10.07 2.78 -25.99
C GLY A 58 10.07 1.49 -25.20
N GLY A 59 11.25 1.00 -24.82
CA GLY A 59 11.32 -0.17 -23.96
C GLY A 59 10.75 0.09 -22.58
N LEU A 60 11.09 1.26 -21.99
CA LEU A 60 10.54 1.61 -20.68
C LEU A 60 9.03 1.84 -20.74
N ILE A 61 8.56 2.49 -21.81
CA ILE A 61 7.12 2.73 -22.00
C ILE A 61 6.38 1.42 -22.15
N LEU A 62 6.92 0.50 -22.96
CA LEU A 62 6.25 -0.77 -23.20
C LEU A 62 6.23 -1.65 -21.95
N PHE A 63 7.34 -1.65 -21.18
CA PHE A 63 7.37 -2.40 -19.93
C PHE A 63 6.38 -1.84 -18.92
N GLY A 64 6.27 -0.51 -18.84
CA GLY A 64 5.34 0.11 -17.91
C GLY A 64 3.88 -0.14 -18.28
N VAL A 65 3.55 0.01 -19.56
CA VAL A 65 2.16 -0.16 -19.96
C VAL A 65 1.77 -1.65 -19.90
N LEU A 66 2.71 -2.56 -20.16
CA LEU A 66 2.41 -3.98 -20.05
C LEU A 66 2.23 -4.39 -18.60
N GLY A 67 3.06 -3.84 -17.70
CA GLY A 67 2.89 -4.10 -16.28
C GLY A 67 1.56 -3.59 -15.74
N ASN A 68 1.17 -2.38 -16.14
CA ASN A 68 -0.08 -1.84 -15.64
C ASN A 68 -1.31 -2.53 -16.24
N ILE A 69 -1.25 -2.96 -17.51
CA ILE A 69 -2.42 -3.68 -18.03
C ILE A 69 -2.48 -5.08 -17.43
N LEU A 70 -1.33 -5.67 -17.06
CA LEU A 70 -1.37 -6.96 -16.37
C LEU A 70 -1.94 -6.82 -14.96
N VAL A 71 -1.59 -5.73 -14.26
CA VAL A 71 -2.11 -5.51 -12.91
C VAL A 71 -3.61 -5.24 -12.95
N ILE A 72 -4.07 -4.45 -13.94
CA ILE A 72 -5.50 -4.19 -14.01
C ILE A 72 -6.28 -5.37 -14.61
N LEU A 73 -5.61 -6.26 -15.35
CA LEU A 73 -6.31 -7.40 -15.92
C LEU A 73 -6.38 -8.58 -14.95
N SER A 74 -5.42 -8.69 -14.03
CA SER A 74 -5.43 -9.80 -13.08
C SER A 74 -6.52 -9.69 -12.02
N VAL A 75 -7.17 -8.53 -11.89
CA VAL A 75 -8.23 -8.36 -10.92
C VAL A 75 -9.61 -8.48 -11.54
N ALA A 76 -9.74 -8.24 -12.84
CA ALA A 76 -11.04 -8.13 -13.51
C ALA A 76 -11.76 -9.47 -13.69
N CYS A 77 -11.25 -10.58 -13.19
CA CYS A 77 -11.92 -11.86 -13.35
C CYS A 77 -12.16 -12.57 -12.01
N HIS A 78 -11.24 -12.40 -11.06
CA HIS A 78 -11.35 -13.07 -9.77
C HIS A 78 -12.31 -12.31 -8.86
N ARG A 79 -13.36 -13.00 -8.42
CA ARG A 79 -14.32 -12.40 -7.50
C ARG A 79 -13.78 -12.31 -6.08
N HIS A 80 -12.74 -13.09 -5.76
CA HIS A 80 -12.12 -12.98 -4.45
C HIS A 80 -11.35 -11.67 -4.30
N LEU A 81 -10.88 -11.11 -5.41
CA LEU A 81 -10.16 -9.83 -5.39
C LEU A 81 -11.17 -8.69 -5.52
N HIS A 82 -11.91 -8.48 -4.42
CA HIS A 82 -12.94 -7.44 -4.42
C HIS A 82 -12.98 -6.67 -3.10
N SER A 83 -11.89 -6.63 -2.35
CA SER A 83 -11.85 -5.89 -1.10
C SER A 83 -11.58 -4.41 -1.34
N VAL A 84 -11.28 -3.67 -0.28
CA VAL A 84 -11.00 -2.24 -0.39
C VAL A 84 -9.54 -1.99 -0.74
N THR A 85 -8.62 -2.81 -0.22
CA THR A 85 -7.22 -2.65 -0.57
C THR A 85 -6.95 -3.05 -2.01
N HIS A 86 -7.74 -3.97 -2.57
CA HIS A 86 -7.63 -4.25 -3.99
C HIS A 86 -8.14 -3.11 -4.83
N TYR A 87 -9.17 -2.40 -4.34
CA TYR A 87 -9.61 -1.16 -4.98
C TYR A 87 -8.51 -0.11 -4.94
N TYR A 88 -7.83 0.01 -3.80
CA TYR A 88 -6.77 1.00 -3.67
C TYR A 88 -5.54 0.65 -4.47
N ILE A 89 -5.36 -0.63 -4.83
CA ILE A 89 -4.27 -1.02 -5.70
C ILE A 89 -4.64 -0.81 -7.17
N VAL A 90 -5.87 -1.13 -7.57
CA VAL A 90 -6.25 -0.89 -8.96
C VAL A 90 -6.46 0.60 -9.25
N ASN A 91 -6.65 1.43 -8.23
CA ASN A 91 -6.70 2.87 -8.48
C ASN A 91 -5.30 3.41 -8.83
N LEU A 92 -4.28 2.96 -8.11
CA LEU A 92 -2.90 3.28 -8.47
C LEU A 92 -2.55 2.70 -9.84
N ALA A 93 -3.05 1.51 -10.15
CA ALA A 93 -2.78 0.91 -11.45
C ALA A 93 -3.46 1.67 -12.58
N VAL A 94 -4.67 2.19 -12.37
CA VAL A 94 -5.33 2.92 -13.45
C VAL A 94 -4.75 4.33 -13.58
N ALA A 95 -4.21 4.91 -12.50
CA ALA A 95 -3.53 6.19 -12.62
C ALA A 95 -2.21 6.04 -13.38
N ASP A 96 -1.45 4.99 -13.05
CA ASP A 96 -0.20 4.74 -13.79
C ASP A 96 -0.48 4.34 -15.24
N LEU A 97 -1.61 3.67 -15.50
CA LEU A 97 -1.96 3.35 -16.88
C LEU A 97 -2.34 4.60 -17.67
N LEU A 98 -3.13 5.49 -17.05
CA LEU A 98 -3.52 6.73 -17.71
C LEU A 98 -2.33 7.64 -17.96
N LEU A 99 -1.31 7.58 -17.09
CA LEU A 99 -0.07 8.30 -17.38
C LEU A 99 0.70 7.64 -18.52
N THR A 100 1.01 6.34 -18.37
CA THR A 100 1.94 5.66 -19.26
C THR A 100 1.38 5.44 -20.66
N SER A 101 0.06 5.42 -20.84
CA SER A 101 -0.48 5.16 -22.16
C SER A 101 -0.51 6.40 -23.04
N THR A 102 -0.63 7.58 -22.45
CA THR A 102 -0.80 8.80 -23.23
C THR A 102 0.32 9.81 -23.02
N VAL A 103 0.69 10.12 -21.79
CA VAL A 103 1.61 11.23 -21.54
C VAL A 103 3.05 10.83 -21.88
N LEU A 104 3.43 9.60 -21.61
CA LEU A 104 4.79 9.11 -21.84
C LEU A 104 5.24 9.04 -23.31
N PRO A 105 4.44 8.58 -24.29
CA PRO A 105 4.93 8.62 -25.67
C PRO A 105 5.10 10.03 -26.22
N PHE A 106 4.25 10.96 -25.80
CA PHE A 106 4.39 12.34 -26.26
C PHE A 106 5.63 13.00 -25.69
N SER A 107 5.97 12.72 -24.44
CA SER A 107 7.21 13.24 -23.87
C SER A 107 8.42 12.56 -24.49
N ALA A 108 8.30 11.28 -24.87
CA ALA A 108 9.41 10.60 -25.54
C ALA A 108 9.64 11.18 -26.93
N ILE A 109 8.56 11.45 -27.67
CA ILE A 109 8.67 12.09 -28.99
C ILE A 109 9.21 13.51 -28.84
N PHE A 110 8.80 14.21 -27.78
CA PHE A 110 9.31 15.55 -27.51
C PHE A 110 10.79 15.54 -27.13
N GLU A 111 11.28 14.45 -26.56
CA GLU A 111 12.71 14.36 -26.29
C GLU A 111 13.52 13.91 -27.51
N VAL A 112 12.93 13.06 -28.36
CA VAL A 112 13.63 12.64 -29.57
C VAL A 112 13.71 13.79 -30.58
N LEU A 113 12.56 14.38 -30.91
CA LEU A 113 12.52 15.42 -31.93
C LEU A 113 13.13 16.72 -31.42
N GLY A 114 12.96 17.02 -30.14
CA GLY A 114 13.41 18.28 -29.59
C GLY A 114 12.41 19.41 -29.70
N TYR A 115 11.29 19.20 -30.38
CA TYR A 115 10.24 20.20 -30.48
C TYR A 115 8.89 19.51 -30.46
N TRP A 116 7.93 20.14 -29.80
CA TRP A 116 6.57 19.61 -29.72
C TRP A 116 5.91 19.82 -31.08
N ALA A 117 5.86 18.77 -31.88
CA ALA A 117 5.39 18.88 -33.26
C ALA A 117 3.88 19.03 -33.37
N PHE A 118 3.15 18.80 -32.28
CA PHE A 118 1.70 18.92 -32.29
C PHE A 118 1.32 20.38 -32.01
N GLY A 119 0.04 20.64 -31.77
CA GLY A 119 -0.46 21.99 -31.63
C GLY A 119 -0.15 22.63 -30.29
N ARG A 120 -0.99 23.59 -29.91
CA ARG A 120 -0.89 24.24 -28.62
C ARG A 120 -1.96 23.80 -27.63
N VAL A 121 -3.15 23.43 -28.12
CA VAL A 121 -4.15 22.83 -27.25
C VAL A 121 -3.71 21.44 -26.80
N PHE A 122 -2.88 20.76 -27.62
CA PHE A 122 -2.33 19.48 -27.23
C PHE A 122 -1.34 19.64 -26.08
N CYS A 123 -0.57 20.73 -26.07
CA CYS A 123 0.39 20.95 -24.99
C CYS A 123 -0.32 21.30 -23.69
N ASN A 124 -1.37 22.12 -23.76
CA ASN A 124 -2.14 22.47 -22.57
C ASN A 124 -2.96 21.30 -22.07
N ILE A 125 -3.32 20.35 -22.93
CA ILE A 125 -3.93 19.12 -22.46
C ILE A 125 -2.88 18.22 -21.82
N TRP A 126 -1.68 18.17 -22.42
CA TRP A 126 -0.64 17.23 -22.01
C TRP A 126 -0.06 17.58 -20.65
N ALA A 127 0.17 18.87 -20.39
CA ALA A 127 0.72 19.25 -19.10
C ALA A 127 -0.27 19.03 -17.96
N ALA A 128 -1.55 19.32 -18.22
CA ALA A 128 -2.59 19.14 -17.20
C ALA A 128 -2.82 17.66 -16.90
N VAL A 129 -2.85 16.81 -17.93
CA VAL A 129 -3.03 15.38 -17.72
C VAL A 129 -1.79 14.77 -17.06
N ASP A 130 -0.61 15.34 -17.35
CA ASP A 130 0.63 14.92 -16.68
C ASP A 130 0.58 15.17 -15.18
N VAL A 131 0.24 16.41 -14.79
CA VAL A 131 0.18 16.75 -13.37
C VAL A 131 -0.92 15.97 -12.67
N LEU A 132 -2.06 15.78 -13.36
CA LEU A 132 -3.19 15.04 -12.81
C LEU A 132 -2.82 13.59 -12.51
N CYS A 133 -2.17 12.92 -13.47
CA CYS A 133 -1.84 11.51 -13.29
C CYS A 133 -0.75 11.31 -12.25
N CYS A 134 0.26 12.20 -12.24
CA CYS A 134 1.35 12.04 -11.28
C CYS A 134 0.88 12.26 -9.84
N THR A 135 0.13 13.34 -9.58
CA THR A 135 -0.31 13.53 -8.21
C THR A 135 -1.47 12.60 -7.83
N ALA A 136 -2.20 12.05 -8.81
CA ALA A 136 -3.20 11.04 -8.48
C ALA A 136 -2.54 9.74 -8.04
N SER A 137 -1.43 9.36 -8.68
CA SER A 137 -0.75 8.14 -8.21
C SER A 137 -0.03 8.36 -6.89
N ILE A 138 0.48 9.57 -6.63
CA ILE A 138 1.08 9.86 -5.33
C ILE A 138 0.05 9.77 -4.21
N MET A 139 -1.13 10.36 -4.41
CA MET A 139 -2.14 10.26 -3.36
C MET A 139 -2.80 8.89 -3.30
N GLY A 140 -2.72 8.10 -4.39
CA GLY A 140 -3.09 6.70 -4.29
C GLY A 140 -2.15 5.91 -3.38
N LEU A 141 -0.85 6.19 -3.46
CA LEU A 141 0.09 5.60 -2.50
C LEU A 141 -0.19 6.07 -1.08
N CYS A 142 -0.59 7.33 -0.92
CA CYS A 142 -0.93 7.85 0.41
C CYS A 142 -2.12 7.13 1.03
N ILE A 143 -3.17 6.88 0.24
CA ILE A 143 -4.33 6.19 0.82
C ILE A 143 -4.09 4.70 0.97
N ILE A 144 -3.20 4.10 0.15
CA ILE A 144 -2.77 2.71 0.41
C ILE A 144 -2.06 2.62 1.76
N SER A 145 -1.20 3.60 2.06
CA SER A 145 -0.50 3.64 3.33
C SER A 145 -1.46 3.80 4.51
N ILE A 146 -2.47 4.66 4.37
CA ILE A 146 -3.47 4.85 5.42
C ILE A 146 -4.29 3.58 5.62
N ASP A 147 -4.65 2.90 4.53
CA ASP A 147 -5.40 1.64 4.62
C ASP A 147 -4.60 0.55 5.31
N ARG A 148 -3.30 0.46 5.04
CA ARG A 148 -2.49 -0.55 5.71
C ARG A 148 -2.28 -0.23 7.19
N TYR A 149 -2.18 1.06 7.54
CA TYR A 149 -2.07 1.43 8.96
C TYR A 149 -3.33 1.08 9.73
N ILE A 150 -4.51 1.35 9.16
CA ILE A 150 -5.72 0.99 9.91
C ILE A 150 -6.14 -0.44 9.60
N GLY A 151 -5.32 -1.16 8.85
CA GLY A 151 -5.47 -2.59 8.72
C GLY A 151 -4.60 -3.41 9.65
N VAL A 152 -3.51 -2.84 10.17
CA VAL A 152 -2.65 -3.59 11.08
C VAL A 152 -2.75 -3.12 12.51
N SER A 153 -3.52 -2.08 12.80
CA SER A 153 -3.65 -1.60 14.18
C SER A 153 -5.08 -1.66 14.70
N TYR A 154 -6.03 -2.06 13.88
CA TYR A 154 -7.38 -2.40 14.33
C TYR A 154 -7.84 -3.60 13.52
N PRO A 155 -7.35 -4.80 13.84
CA PRO A 155 -7.57 -5.95 12.94
C PRO A 155 -8.98 -6.51 12.99
N LEU A 156 -9.73 -6.26 14.06
CA LEU A 156 -11.09 -6.77 14.18
C LEU A 156 -12.14 -5.73 13.86
N ARG A 157 -11.89 -4.47 14.21
CA ARG A 157 -12.77 -3.37 13.85
C ARG A 157 -12.41 -2.75 12.50
N TYR A 158 -11.71 -3.49 11.63
CA TYR A 158 -11.36 -2.96 10.31
C TYR A 158 -12.57 -2.90 9.37
N PRO A 159 -13.43 -3.92 9.22
CA PRO A 159 -14.61 -3.72 8.36
C PRO A 159 -15.70 -2.85 8.95
N THR A 160 -15.53 -2.32 10.17
CA THR A 160 -16.43 -1.32 10.71
C THR A 160 -15.76 0.04 10.81
N ILE A 161 -14.59 0.21 10.17
CA ILE A 161 -13.91 1.49 10.12
C ILE A 161 -13.54 1.76 8.67
N VAL A 162 -13.66 0.75 7.82
CA VAL A 162 -13.47 0.89 6.38
C VAL A 162 -14.67 0.23 5.71
N THR A 163 -15.51 1.04 5.09
CA THR A 163 -16.67 0.57 4.34
C THR A 163 -16.69 1.29 3.00
N GLN A 164 -17.42 0.71 2.03
CA GLN A 164 -17.58 1.34 0.73
C GLN A 164 -18.37 2.64 0.79
N ARG A 165 -19.06 2.92 1.90
CA ARG A 165 -19.62 4.25 2.13
C ARG A 165 -18.52 5.30 2.29
N ARG A 166 -17.36 4.91 2.81
CA ARG A 166 -16.26 5.83 3.02
C ARG A 166 -14.92 5.34 2.49
N GLY A 167 -14.88 4.15 1.87
CA GLY A 167 -13.69 3.72 1.16
C GLY A 167 -13.64 4.14 -0.28
N LEU A 168 -14.75 4.71 -0.77
CA LEU A 168 -14.81 5.33 -2.08
C LEU A 168 -15.17 6.80 -1.98
N MET A 169 -14.99 7.39 -0.80
CA MET A 169 -14.99 8.84 -0.63
C MET A 169 -13.60 9.42 -0.55
N ALA A 170 -12.65 8.71 0.07
CA ALA A 170 -11.26 9.12 0.02
C ALA A 170 -10.70 9.02 -1.39
N LEU A 171 -11.18 8.05 -2.18
CA LEU A 171 -10.79 7.92 -3.58
C LEU A 171 -11.23 9.14 -4.39
N LEU A 172 -12.48 9.55 -4.23
CA LEU A 172 -12.97 10.72 -4.94
C LEU A 172 -12.37 11.99 -4.39
N CYS A 173 -12.01 12.03 -3.10
CA CYS A 173 -11.37 13.21 -2.55
C CYS A 173 -9.95 13.39 -3.08
N VAL A 174 -9.19 12.30 -3.23
CA VAL A 174 -7.85 12.46 -3.78
C VAL A 174 -7.90 12.68 -5.28
N TRP A 175 -8.89 12.13 -5.99
CA TRP A 175 -9.00 12.42 -7.41
C TRP A 175 -9.45 13.86 -7.65
N ALA A 176 -10.34 14.38 -6.80
CA ALA A 176 -10.78 15.76 -6.94
C ALA A 176 -9.69 16.74 -6.56
N LEU A 177 -8.89 16.42 -5.53
CA LEU A 177 -7.78 17.29 -5.18
C LEU A 177 -6.68 17.24 -6.24
N SER A 178 -6.49 16.09 -6.87
CA SER A 178 -5.60 15.99 -8.02
C SER A 178 -6.08 16.84 -9.18
N LEU A 179 -7.39 16.84 -9.44
CA LEU A 179 -7.92 17.66 -10.53
C LEU A 179 -7.91 19.15 -10.18
N VAL A 180 -7.95 19.47 -8.88
CA VAL A 180 -7.80 20.86 -8.47
C VAL A 180 -6.37 21.35 -8.69
N ILE A 181 -5.38 20.50 -8.38
CA ILE A 181 -3.99 20.89 -8.60
C ILE A 181 -3.67 20.94 -10.10
N SER A 182 -4.24 20.04 -10.90
CA SER A 182 -3.88 19.98 -12.31
C SER A 182 -4.53 21.09 -13.12
N ILE A 183 -5.80 21.39 -12.85
CA ILE A 183 -6.55 22.37 -13.64
C ILE A 183 -6.56 23.66 -12.82
N GLY A 184 -5.59 23.80 -11.93
CA GLY A 184 -5.37 25.03 -11.23
C GLY A 184 -4.98 26.18 -12.14
N PRO A 185 -3.77 26.15 -12.71
CA PRO A 185 -3.37 27.23 -13.62
C PRO A 185 -3.74 26.95 -15.07
N LEU A 186 -4.97 26.50 -15.31
CA LEU A 186 -5.56 26.60 -16.63
C LEU A 186 -6.31 27.91 -16.80
N PHE A 187 -6.65 28.55 -15.68
CA PHE A 187 -7.18 29.90 -15.66
C PHE A 187 -6.51 30.71 -14.56
N GLY A 188 -6.08 30.04 -13.50
CA GLY A 188 -5.62 30.72 -12.30
C GLY A 188 -4.24 31.34 -12.31
N TRP A 189 -3.19 30.53 -12.37
CA TRP A 189 -1.83 31.00 -12.14
C TRP A 189 -0.94 30.79 -13.36
N ARG A 190 -1.50 30.91 -14.56
CA ARG A 190 -0.71 30.77 -15.77
C ARG A 190 -0.07 32.11 -16.13
N GLN A 191 1.26 32.12 -16.18
CA GLN A 191 1.97 33.27 -16.72
C GLN A 191 1.75 33.33 -18.23
N PRO A 192 1.85 34.51 -18.84
CA PRO A 192 1.74 34.60 -20.31
C PRO A 192 2.90 33.89 -21.00
N ALA A 193 2.55 32.93 -21.87
CA ALA A 193 3.52 32.07 -22.53
C ALA A 193 3.63 32.53 -23.98
N PRO A 194 4.75 32.26 -24.65
CA PRO A 194 4.85 32.57 -26.09
C PRO A 194 3.85 31.75 -26.91
N GLU A 195 3.47 32.32 -28.06
CA GLU A 195 2.38 31.77 -28.87
C GLU A 195 2.87 30.83 -29.97
N ASP A 196 3.98 30.13 -29.74
CA ASP A 196 4.44 29.16 -30.71
C ASP A 196 3.54 27.92 -30.71
N GLU A 197 3.45 27.28 -31.87
CA GLU A 197 2.89 25.94 -31.97
C GLU A 197 3.96 24.86 -31.96
N THR A 198 5.14 25.20 -31.43
CA THR A 198 6.32 24.35 -31.47
C THR A 198 6.89 24.07 -30.09
N ILE A 199 6.95 25.06 -29.21
CA ILE A 199 7.41 24.86 -27.84
C ILE A 199 6.25 24.32 -27.01
N CYS A 200 6.56 23.78 -25.83
CA CYS A 200 5.52 23.37 -24.89
C CYS A 200 6.09 23.53 -23.49
N GLN A 201 5.80 24.67 -22.86
CA GLN A 201 6.36 24.97 -21.55
C GLN A 201 5.67 24.17 -20.46
N ILE A 202 6.43 23.82 -19.43
CA ILE A 202 5.91 23.25 -18.19
C ILE A 202 5.38 24.43 -17.39
N ASN A 203 4.56 24.16 -16.37
CA ASN A 203 3.93 25.23 -15.59
C ASN A 203 4.77 25.53 -14.35
N GLU A 204 5.89 26.20 -14.57
CA GLU A 204 6.84 26.52 -13.53
C GLU A 204 6.58 27.88 -12.87
N GLU A 205 5.34 28.34 -12.87
CA GLU A 205 5.00 29.63 -12.26
C GLU A 205 5.10 29.55 -10.75
N PRO A 206 5.95 30.36 -10.10
CA PRO A 206 6.09 30.27 -8.65
C PRO A 206 4.86 30.80 -7.93
N GLY A 207 4.60 30.24 -6.76
CA GLY A 207 3.38 30.55 -6.04
C GLY A 207 2.35 29.46 -6.23
N TYR A 208 2.28 28.95 -7.46
CA TYR A 208 1.48 27.75 -7.72
C TYR A 208 2.30 26.49 -7.49
N VAL A 209 3.57 26.51 -7.91
CA VAL A 209 4.40 25.32 -7.78
C VAL A 209 4.72 25.04 -6.32
N LEU A 210 4.73 26.05 -5.45
CA LEU A 210 4.97 25.82 -4.03
C LEU A 210 3.76 25.16 -3.37
N PHE A 211 2.56 25.66 -3.67
CA PHE A 211 1.33 25.04 -3.19
C PHE A 211 1.19 23.62 -3.70
N SER A 212 1.49 23.40 -4.98
CA SER A 212 1.37 22.07 -5.57
C SER A 212 2.39 21.11 -4.98
N ALA A 213 3.63 21.57 -4.79
CA ALA A 213 4.67 20.72 -4.20
C ALA A 213 4.33 20.34 -2.77
N LEU A 214 3.91 21.32 -1.95
CA LEU A 214 3.51 21.06 -0.58
C LEU A 214 2.33 20.10 -0.50
N GLY A 215 1.16 20.53 -0.99
CA GLY A 215 -0.03 19.73 -0.87
C GLY A 215 -0.19 18.62 -1.90
N SER A 216 0.88 18.27 -2.61
CA SER A 216 0.86 17.12 -3.48
C SER A 216 2.00 16.14 -3.23
N PHE A 217 3.08 16.55 -2.59
CA PHE A 217 4.11 15.60 -2.19
C PHE A 217 4.34 15.60 -0.69
N TYR A 218 4.54 16.77 -0.09
CA TYR A 218 5.14 16.78 1.24
C TYR A 218 4.16 16.48 2.36
N LEU A 219 2.87 16.66 2.12
CA LEU A 219 1.88 16.13 3.05
C LEU A 219 1.64 14.64 2.83
N PRO A 220 1.51 14.11 1.58
CA PRO A 220 1.51 12.65 1.44
C PRO A 220 2.81 11.96 1.81
N LEU A 221 3.96 12.62 1.71
CA LEU A 221 5.20 12.01 2.17
C LEU A 221 5.20 11.85 3.68
N ALA A 222 4.71 12.87 4.39
CA ALA A 222 4.59 12.80 5.84
C ALA A 222 3.60 11.73 6.26
N ILE A 223 2.47 11.63 5.56
CA ILE A 223 1.46 10.63 5.89
C ILE A 223 1.98 9.22 5.65
N ILE A 224 2.65 9.00 4.51
CA ILE A 224 3.20 7.68 4.19
C ILE A 224 4.30 7.29 5.18
N LEU A 225 5.17 8.22 5.54
CA LEU A 225 6.25 7.87 6.47
C LEU A 225 5.75 7.63 7.89
N VAL A 226 4.76 8.39 8.37
CA VAL A 226 4.32 8.09 9.73
C VAL A 226 3.45 6.84 9.78
N MET A 227 2.64 6.56 8.75
CA MET A 227 1.83 5.35 8.82
C MET A 227 2.67 4.10 8.59
N TYR A 228 3.68 4.16 7.72
CA TYR A 228 4.57 3.01 7.61
C TYR A 228 5.53 2.89 8.79
N CYS A 229 5.77 3.99 9.53
CA CYS A 229 6.45 3.87 10.82
C CYS A 229 5.62 3.06 11.81
N ARG A 230 4.31 3.34 11.87
CA ARG A 230 3.45 2.54 12.75
C ARG A 230 3.33 1.09 12.30
N VAL A 231 3.26 0.86 10.97
CA VAL A 231 3.21 -0.51 10.45
C VAL A 231 4.49 -1.27 10.77
N TYR A 232 5.64 -0.60 10.70
CA TYR A 232 6.89 -1.25 11.04
C TYR A 232 7.00 -1.51 12.54
N VAL A 233 6.42 -0.63 13.36
CA VAL A 233 6.42 -0.84 14.81
C VAL A 233 5.56 -2.06 15.19
N VAL A 234 4.36 -2.16 14.60
CA VAL A 234 3.46 -3.25 14.95
C VAL A 234 3.97 -4.60 14.43
N ALA A 235 4.70 -4.59 13.31
CA ALA A 235 5.13 -5.84 12.67
C ALA A 235 6.47 -6.32 13.17
N LYS A 236 6.84 -6.03 14.41
CA LYS A 236 8.06 -6.53 15.03
C LYS A 236 7.75 -7.42 16.23
N ARG A 237 6.69 -8.24 16.10
CA ARG A 237 6.08 -9.00 17.20
C ARG A 237 5.72 -8.06 18.36
N GLU A 238 4.79 -7.17 18.05
CA GLU A 238 4.37 -6.13 18.98
C GLU A 238 2.89 -5.85 18.83
N LEU A 364 16.32 -15.31 15.96
CA LEU A 364 14.96 -15.76 16.22
C LEU A 364 13.96 -14.61 16.05
N LYS A 365 14.38 -13.41 16.44
CA LYS A 365 13.66 -12.18 16.11
C LYS A 365 14.32 -11.44 14.96
N PHE A 366 15.50 -11.91 14.54
CA PHE A 366 16.18 -11.35 13.37
C PHE A 366 15.36 -11.56 12.11
N SER A 367 14.77 -12.75 11.96
CA SER A 367 13.90 -13.05 10.83
C SER A 367 12.53 -12.40 10.94
N ARG A 368 12.20 -11.81 12.10
CA ARG A 368 10.97 -11.04 12.23
C ARG A 368 11.21 -9.56 11.92
N GLU A 369 12.39 -9.04 12.28
CA GLU A 369 12.66 -7.63 12.03
C GLU A 369 13.15 -7.40 10.60
N LYS A 370 14.04 -8.27 10.10
CA LYS A 370 14.59 -8.08 8.77
C LYS A 370 13.60 -8.41 7.66
N LYS A 371 12.55 -9.17 7.97
CA LYS A 371 11.52 -9.44 6.97
C LYS A 371 10.60 -8.26 6.76
N ALA A 372 10.51 -7.36 7.74
CA ALA A 372 9.72 -6.14 7.62
C ALA A 372 10.55 -4.96 7.15
N ALA A 373 11.80 -4.86 7.62
CA ALA A 373 12.68 -3.77 7.20
C ALA A 373 13.18 -3.91 5.78
N LYS A 374 12.93 -5.05 5.13
CA LYS A 374 13.21 -5.24 3.72
C LYS A 374 12.00 -4.96 2.84
N THR A 375 10.80 -5.29 3.31
CA THR A 375 9.61 -5.12 2.50
C THR A 375 8.91 -3.78 2.73
N LEU A 376 9.32 -3.00 3.73
CA LEU A 376 8.91 -1.61 3.78
C LEU A 376 9.99 -0.68 3.27
N GLY A 377 11.25 -1.14 3.30
CA GLY A 377 12.35 -0.35 2.79
C GLY A 377 12.23 -0.09 1.30
N ILE A 378 11.76 -1.08 0.53
CA ILE A 378 11.59 -0.86 -0.90
C ILE A 378 10.37 0.02 -1.17
N VAL A 379 9.27 -0.17 -0.43
CA VAL A 379 8.04 0.57 -0.72
C VAL A 379 8.10 2.02 -0.26
N VAL A 380 9.09 2.39 0.56
CA VAL A 380 9.37 3.81 0.75
C VAL A 380 10.59 4.27 -0.04
N GLY A 381 11.52 3.37 -0.39
CA GLY A 381 12.75 3.79 -1.03
C GLY A 381 12.55 4.10 -2.49
N CYS A 382 11.72 3.30 -3.18
CA CYS A 382 11.45 3.59 -4.59
C CYS A 382 10.66 4.87 -4.74
N PHE A 383 9.69 5.10 -3.86
CA PHE A 383 8.86 6.30 -3.93
C PHE A 383 9.67 7.56 -3.60
N VAL A 384 10.51 7.50 -2.57
CA VAL A 384 11.34 8.66 -2.24
C VAL A 384 12.39 8.90 -3.32
N LEU A 385 13.09 7.84 -3.76
CA LEU A 385 14.14 7.96 -4.76
C LEU A 385 13.61 8.42 -6.11
N CYS A 386 12.35 8.12 -6.42
CA CYS A 386 11.77 8.63 -7.66
C CYS A 386 11.29 10.07 -7.50
N TRP A 387 10.42 10.35 -6.53
CA TRP A 387 9.73 11.63 -6.55
C TRP A 387 10.44 12.74 -5.80
N LEU A 388 11.34 12.44 -4.86
CA LEU A 388 12.02 13.48 -4.11
C LEU A 388 13.09 14.24 -4.92
N PRO A 389 13.84 13.62 -5.87
CA PRO A 389 14.63 14.46 -6.79
C PRO A 389 13.84 15.52 -7.55
N PHE A 390 12.71 15.15 -8.15
CA PHE A 390 11.94 16.12 -8.92
C PHE A 390 11.30 17.18 -8.03
N PHE A 391 10.60 16.74 -6.98
CA PHE A 391 9.92 17.65 -6.07
C PHE A 391 10.89 18.36 -5.13
N LEU A 392 12.18 18.06 -5.19
CA LEU A 392 13.19 18.87 -4.53
C LEU A 392 13.89 19.84 -5.48
N VAL A 393 14.10 19.44 -6.74
CA VAL A 393 14.77 20.30 -7.70
C VAL A 393 13.85 21.44 -8.14
N MET A 394 12.58 21.13 -8.41
CA MET A 394 11.69 22.12 -9.02
C MET A 394 11.35 23.30 -8.11
N PRO A 395 10.91 23.13 -6.84
CA PRO A 395 10.64 24.33 -6.04
C PRO A 395 11.90 25.04 -5.56
N ILE A 396 13.03 24.34 -5.44
CA ILE A 396 14.25 25.03 -5.05
C ILE A 396 14.86 25.79 -6.23
N GLY A 397 14.44 25.46 -7.46
CA GLY A 397 14.94 26.15 -8.63
C GLY A 397 13.99 27.24 -9.09
N SER A 398 12.72 27.14 -8.72
CA SER A 398 11.75 28.17 -9.05
C SER A 398 11.61 29.22 -7.95
N PHE A 399 12.33 29.08 -6.84
CA PHE A 399 12.24 30.06 -5.76
C PHE A 399 13.61 30.65 -5.44
N PHE A 400 14.66 29.85 -5.57
CA PHE A 400 16.04 30.29 -5.39
C PHE A 400 16.76 30.13 -6.71
N PRO A 401 16.71 31.15 -7.59
CA PRO A 401 17.41 31.06 -8.90
C PRO A 401 18.90 31.38 -8.85
N ASP A 402 19.58 30.81 -7.86
CA ASP A 402 21.03 30.90 -7.75
C ASP A 402 21.62 29.51 -7.92
N PHE A 403 20.77 28.48 -7.77
CA PHE A 403 21.16 27.11 -8.04
C PHE A 403 21.31 26.85 -9.53
N LYS A 404 20.24 27.08 -10.29
CA LYS A 404 20.14 26.96 -11.75
C LYS A 404 20.59 25.60 -12.25
N PRO A 405 19.77 24.56 -12.12
CA PRO A 405 20.18 23.23 -12.58
C PRO A 405 20.21 23.16 -14.10
N SER A 406 21.10 22.29 -14.60
CA SER A 406 21.28 22.14 -16.03
C SER A 406 20.10 21.40 -16.65
N GLU A 407 20.14 21.27 -17.98
CA GLU A 407 19.08 20.58 -18.70
C GLU A 407 19.13 19.08 -18.47
N THR A 408 20.34 18.52 -18.29
CA THR A 408 20.49 17.07 -18.15
C THR A 408 19.93 16.58 -16.81
N VAL A 409 20.27 17.26 -15.72
CA VAL A 409 19.75 16.88 -14.41
C VAL A 409 18.26 17.15 -14.32
N PHE A 410 17.76 18.15 -15.05
CA PHE A 410 16.33 18.40 -15.06
C PHE A 410 15.58 17.31 -15.81
N LYS A 411 16.13 16.83 -16.92
CA LYS A 411 15.48 15.72 -17.62
C LYS A 411 15.58 14.43 -16.83
N ILE A 412 16.66 14.25 -16.06
CA ILE A 412 16.80 13.06 -15.23
C ILE A 412 15.76 13.05 -14.11
N VAL A 413 15.61 14.17 -13.40
CA VAL A 413 14.61 14.22 -12.34
C VAL A 413 13.19 14.27 -12.92
N PHE A 414 13.04 14.72 -14.16
CA PHE A 414 11.74 14.72 -14.82
C PHE A 414 11.34 13.33 -15.27
N TRP A 415 12.31 12.47 -15.56
CA TRP A 415 12.02 11.14 -16.04
C TRP A 415 12.01 10.08 -14.96
N LEU A 416 12.61 10.35 -13.80
CA LEU A 416 12.47 9.43 -12.67
C LEU A 416 11.03 9.33 -12.20
N GLY A 417 10.28 10.44 -12.27
CA GLY A 417 8.87 10.42 -11.92
C GLY A 417 8.04 9.59 -12.87
N TYR A 418 8.45 9.52 -14.14
CA TYR A 418 7.81 8.60 -15.07
C TYR A 418 8.25 7.16 -14.82
N LEU A 419 9.49 6.98 -14.37
CA LEU A 419 10.00 5.64 -14.07
C LEU A 419 9.28 5.02 -12.88
N ASN A 420 8.79 5.86 -11.95
CA ASN A 420 8.04 5.36 -10.79
C ASN A 420 6.77 4.62 -11.20
N SER A 421 6.10 5.07 -12.25
CA SER A 421 4.88 4.42 -12.70
C SER A 421 5.14 3.14 -13.48
N CYS A 422 6.40 2.85 -13.82
CA CYS A 422 6.79 1.54 -14.30
C CYS A 422 7.32 0.66 -13.18
N ILE A 423 7.86 1.27 -12.13
CA ILE A 423 8.33 0.52 -10.97
C ILE A 423 7.14 -0.04 -10.18
N ASN A 424 6.08 0.76 -10.00
CA ASN A 424 4.90 0.39 -9.24
C ASN A 424 4.13 -0.87 -9.68
N PRO A 425 4.15 -1.30 -10.96
CA PRO A 425 3.68 -2.67 -11.24
C PRO A 425 4.51 -3.77 -10.59
N ILE A 426 5.82 -3.55 -10.41
CA ILE A 426 6.66 -4.61 -9.85
C ILE A 426 6.42 -4.76 -8.36
N ILE A 427 6.35 -3.64 -7.63
CA ILE A 427 6.39 -3.70 -6.17
C ILE A 427 5.06 -4.13 -5.58
N TYR A 428 4.00 -3.37 -5.85
CA TYR A 428 2.78 -3.43 -5.04
C TYR A 428 1.93 -4.70 -5.22
N PRO A 429 1.84 -5.33 -6.40
CA PRO A 429 1.28 -6.69 -6.41
C PRO A 429 2.20 -7.74 -5.80
N CYS A 430 3.52 -7.55 -5.87
CA CYS A 430 4.43 -8.47 -5.20
C CYS A 430 4.54 -8.22 -3.71
N SER A 431 3.88 -7.19 -3.19
CA SER A 431 3.74 -6.97 -1.75
C SER A 431 2.40 -7.49 -1.24
N SER A 432 1.88 -8.54 -1.87
CA SER A 432 0.68 -9.23 -1.42
C SER A 432 0.88 -10.71 -1.69
N GLN A 433 -0.15 -11.50 -1.41
CA GLN A 433 -0.11 -12.93 -1.66
C GLN A 433 -0.95 -13.34 -2.85
N GLU A 434 -2.23 -12.95 -2.88
CA GLU A 434 -3.10 -13.30 -3.98
C GLU A 434 -2.80 -12.52 -5.25
N PHE A 435 -2.29 -11.29 -5.13
CA PHE A 435 -1.85 -10.55 -6.32
C PHE A 435 -0.67 -11.20 -6.99
N LYS A 436 0.27 -11.74 -6.21
CA LYS A 436 1.43 -12.39 -6.80
C LYS A 436 1.05 -13.69 -7.51
N LYS A 437 0.09 -14.43 -6.95
CA LYS A 437 -0.43 -15.63 -7.61
C LYS A 437 -1.18 -15.27 -8.89
N ALA A 438 -2.03 -14.23 -8.83
CA ALA A 438 -2.78 -13.82 -10.00
C ALA A 438 -1.88 -13.25 -11.09
N PHE A 439 -0.78 -12.59 -10.72
CA PHE A 439 0.16 -12.08 -11.71
C PHE A 439 1.04 -13.18 -12.28
N GLN A 440 1.41 -14.17 -11.46
CA GLN A 440 2.17 -15.30 -11.95
C GLN A 440 1.32 -16.28 -12.75
N ASN A 441 -0.01 -16.15 -12.67
CA ASN A 441 -0.90 -16.97 -13.50
C ASN A 441 -0.86 -16.61 -14.99
N VAL A 442 -0.17 -15.53 -15.37
CA VAL A 442 -0.07 -15.18 -16.79
C VAL A 442 0.92 -16.07 -17.51
N LEU A 443 1.79 -16.77 -16.78
CA LEU A 443 2.77 -17.66 -17.40
C LEU A 443 3.11 -18.82 -16.48
N ALA B 32 -19.49 -7.19 12.22
CA ALA B 32 -18.41 -8.09 11.81
C ALA B 32 -18.45 -9.38 12.62
N THR B 33 -18.81 -10.47 11.97
CA THR B 33 -18.91 -11.75 12.64
C THR B 33 -17.55 -12.46 12.67
N HIS B 34 -17.43 -13.40 13.60
CA HIS B 34 -16.25 -14.25 13.71
C HIS B 34 -16.72 -15.61 14.20
N ARG B 35 -16.67 -16.61 13.33
CA ARG B 35 -17.26 -17.91 13.62
C ARG B 35 -16.25 -18.75 14.41
N LEU B 36 -16.33 -18.68 15.73
CA LEU B 36 -15.51 -19.57 16.55
C LEU B 36 -16.05 -20.99 16.49
N LEU B 37 -15.25 -21.93 16.99
CA LEU B 37 -15.61 -23.34 16.94
C LEU B 37 -15.26 -23.95 18.30
N LEU B 38 -16.28 -24.17 19.13
CA LEU B 38 -16.09 -24.67 20.47
C LEU B 38 -16.28 -26.18 20.46
N LEU B 39 -15.19 -26.92 20.65
CA LEU B 39 -15.28 -28.37 20.72
C LEU B 39 -15.46 -28.84 22.15
N GLY B 40 -14.47 -28.57 23.00
CA GLY B 40 -14.49 -28.92 24.40
C GLY B 40 -14.55 -30.42 24.67
N ALA B 41 -14.99 -30.73 25.89
CA ALA B 41 -15.19 -32.10 26.32
C ALA B 41 -16.46 -32.17 27.18
N ASP B 42 -17.06 -33.35 27.21
CA ASP B 42 -18.29 -33.54 27.98
C ASP B 42 -17.99 -33.53 29.47
N ASN B 43 -18.83 -32.80 30.22
CA ASN B 43 -18.69 -32.57 31.66
C ASN B 43 -17.33 -31.98 32.01
N SER B 44 -16.94 -30.94 31.28
CA SER B 44 -15.63 -30.32 31.43
C SER B 44 -15.78 -28.80 31.48
N GLY B 45 -16.84 -28.31 32.10
CA GLY B 45 -17.04 -26.88 32.24
C GLY B 45 -17.38 -26.12 30.98
N LYS B 46 -17.67 -26.83 29.88
CA LYS B 46 -17.90 -26.18 28.60
C LYS B 46 -19.26 -25.48 28.55
N SER B 47 -20.31 -26.18 29.00
CA SER B 47 -21.63 -25.56 29.03
C SER B 47 -21.71 -24.43 30.04
N THR B 48 -20.93 -24.50 31.11
CA THR B 48 -20.89 -23.41 32.08
C THR B 48 -20.12 -22.21 31.54
N ILE B 49 -19.05 -22.46 30.80
CA ILE B 49 -18.29 -21.35 30.21
C ILE B 49 -18.98 -20.77 28.98
N VAL B 50 -19.98 -21.48 28.44
CA VAL B 50 -20.88 -20.88 27.46
C VAL B 50 -21.67 -19.75 28.10
N LYS B 51 -22.18 -19.98 29.32
CA LYS B 51 -23.00 -19.00 30.02
C LYS B 51 -22.12 -17.91 30.64
N GLN B 52 -21.57 -17.08 29.75
CA GLN B 52 -20.77 -15.91 30.14
C GLN B 52 -21.13 -14.73 29.26
N MET B 53 -22.42 -14.53 29.00
CA MET B 53 -22.88 -13.44 28.17
C MET B 53 -22.90 -12.13 28.95
N ILE B 69 -25.43 -29.66 20.28
CA ILE B 69 -24.93 -28.63 19.39
C ILE B 69 -25.88 -27.43 19.36
N PHE B 70 -25.32 -26.25 19.64
CA PHE B 70 -26.10 -25.02 19.67
C PHE B 70 -25.18 -23.84 19.40
N GLU B 71 -25.49 -23.06 18.37
CA GLU B 71 -24.75 -21.84 18.12
C GLU B 71 -25.10 -20.78 19.15
N THR B 72 -24.12 -19.99 19.55
CA THR B 72 -24.30 -18.92 20.52
C THR B 72 -23.66 -17.65 19.96
N LYS B 73 -23.94 -16.53 20.61
CA LYS B 73 -23.41 -15.25 20.17
C LYS B 73 -23.05 -14.40 21.38
N PHE B 74 -21.98 -13.63 21.24
CA PHE B 74 -21.63 -12.64 22.26
C PHE B 74 -20.85 -11.52 21.59
N GLN B 75 -20.56 -10.48 22.36
CA GLN B 75 -19.86 -9.34 21.79
C GLN B 75 -18.94 -8.73 22.83
N VAL B 76 -17.81 -8.21 22.35
CA VAL B 76 -16.82 -7.50 23.15
C VAL B 76 -16.38 -6.29 22.35
N ASP B 77 -16.49 -5.09 22.97
CA ASP B 77 -16.18 -3.80 22.36
C ASP B 77 -16.94 -3.59 21.05
N LYS B 78 -18.22 -3.99 21.08
CA LYS B 78 -19.13 -3.99 19.92
C LYS B 78 -18.58 -4.81 18.75
N VAL B 79 -17.79 -5.84 19.04
CA VAL B 79 -17.36 -6.82 18.05
C VAL B 79 -18.09 -8.11 18.36
N ASN B 80 -18.78 -8.66 17.36
CA ASN B 80 -19.76 -9.72 17.56
C ASN B 80 -19.16 -11.05 17.15
N PHE B 81 -18.79 -11.86 18.13
CA PHE B 81 -18.37 -13.23 17.89
C PHE B 81 -19.59 -14.15 17.91
N HIS B 82 -19.55 -15.17 17.06
CA HIS B 82 -20.63 -16.14 16.94
C HIS B 82 -20.01 -17.52 17.12
N MET B 83 -20.15 -18.09 18.31
CA MET B 83 -19.43 -19.29 18.70
C MET B 83 -20.26 -20.53 18.39
N PHE B 84 -19.72 -21.40 17.53
CA PHE B 84 -20.37 -22.65 17.17
C PHE B 84 -19.93 -23.75 18.12
N ASP B 85 -20.87 -24.26 18.91
CA ASP B 85 -20.62 -25.47 19.68
C ASP B 85 -20.76 -26.68 18.75
N VAL B 86 -20.07 -27.76 19.10
CA VAL B 86 -20.21 -29.01 18.34
C VAL B 86 -20.51 -30.22 19.21
N GLY B 87 -20.20 -30.22 20.51
CA GLY B 87 -20.54 -31.36 21.34
C GLY B 87 -19.40 -31.96 22.14
N GLY B 88 -18.20 -32.01 21.57
CA GLY B 88 -17.07 -32.59 22.27
C GLY B 88 -16.24 -33.56 21.45
N GLN B 89 -16.50 -33.59 20.14
CA GLN B 89 -15.77 -34.42 19.15
C GLN B 89 -15.83 -35.91 19.47
N ARG B 90 -16.93 -36.35 20.07
CA ARG B 90 -17.15 -37.77 20.36
C ARG B 90 -18.44 -38.31 19.77
N ASP B 91 -19.46 -37.49 19.59
CA ASP B 91 -20.73 -37.93 19.02
C ASP B 91 -21.20 -37.11 17.83
N GLU B 92 -20.65 -35.93 17.58
CA GLU B 92 -21.09 -35.05 16.50
C GLU B 92 -19.85 -34.52 15.76
N ARG B 93 -19.41 -35.25 14.75
CA ARG B 93 -18.40 -34.78 13.81
C ARG B 93 -19.02 -34.29 12.51
N ARG B 94 -20.27 -33.82 12.56
CA ARG B 94 -21.02 -33.49 11.35
C ARG B 94 -20.55 -32.19 10.73
N LYS B 95 -20.27 -31.17 11.55
CA LYS B 95 -19.88 -29.87 11.03
C LYS B 95 -18.41 -29.79 10.64
N TRP B 96 -17.65 -30.88 10.82
CA TRP B 96 -16.22 -30.89 10.50
C TRP B 96 -15.95 -30.70 9.02
N ILE B 97 -16.90 -31.03 8.16
CA ILE B 97 -16.83 -30.64 6.75
C ILE B 97 -17.38 -29.24 6.55
N GLN B 98 -18.46 -28.90 7.25
CA GLN B 98 -19.16 -27.64 6.99
C GLN B 98 -18.42 -26.45 7.60
N CYS B 99 -17.98 -26.55 8.85
CA CYS B 99 -17.28 -25.48 9.54
C CYS B 99 -15.77 -25.58 9.37
N PHE B 100 -15.30 -26.21 8.30
CA PHE B 100 -13.88 -26.51 8.15
C PHE B 100 -13.04 -25.29 7.78
N ASN B 101 -13.63 -24.29 7.15
CA ASN B 101 -12.81 -23.23 6.58
C ASN B 101 -13.18 -21.83 7.06
N ASP B 102 -14.47 -21.58 7.33
CA ASP B 102 -14.93 -20.24 7.67
C ASP B 102 -14.54 -19.81 9.08
N VAL B 103 -13.94 -20.68 9.88
CA VAL B 103 -13.61 -20.35 11.26
C VAL B 103 -12.37 -19.46 11.31
N THR B 104 -12.25 -18.71 12.41
CA THR B 104 -11.07 -17.92 12.69
C THR B 104 -10.27 -18.42 13.88
N ALA B 105 -10.85 -19.31 14.69
CA ALA B 105 -10.17 -19.94 15.82
C ALA B 105 -10.92 -21.20 16.17
N ILE B 106 -10.38 -21.96 17.11
CA ILE B 106 -11.01 -23.18 17.61
C ILE B 106 -10.82 -23.17 19.12
N ILE B 107 -11.90 -23.02 19.88
CA ILE B 107 -11.82 -22.96 21.32
C ILE B 107 -11.95 -24.38 21.87
N PHE B 108 -10.87 -24.91 22.41
CA PHE B 108 -10.84 -26.23 23.01
C PHE B 108 -10.67 -26.05 24.52
N VAL B 109 -11.70 -26.41 25.27
CA VAL B 109 -11.69 -26.27 26.72
C VAL B 109 -11.64 -27.67 27.33
N VAL B 110 -10.82 -27.82 28.36
CA VAL B 110 -10.59 -29.12 29.00
C VAL B 110 -10.57 -28.96 30.51
N ASP B 111 -11.33 -29.80 31.21
CA ASP B 111 -11.23 -29.86 32.66
C ASP B 111 -9.89 -30.46 33.05
N SER B 112 -9.20 -29.81 33.99
CA SER B 112 -7.83 -30.16 34.30
C SER B 112 -7.66 -30.94 35.59
N SER B 113 -8.67 -30.99 36.45
CA SER B 113 -8.50 -31.63 37.75
C SER B 113 -8.53 -33.15 37.65
N ASP B 114 -9.44 -33.70 36.85
CA ASP B 114 -9.63 -35.15 36.77
C ASP B 114 -8.52 -35.76 35.91
N TYR B 115 -7.59 -36.45 36.56
CA TYR B 115 -6.48 -37.07 35.85
C TYR B 115 -6.89 -38.34 35.11
N ASN B 116 -7.98 -38.98 35.53
CA ASN B 116 -8.42 -40.21 34.87
C ASN B 116 -8.95 -39.94 33.47
N ARG B 117 -9.49 -38.75 33.23
CA ARG B 117 -10.01 -38.35 31.92
C ARG B 117 -9.07 -37.39 31.21
N LEU B 118 -7.77 -37.60 31.34
CA LEU B 118 -6.76 -36.68 30.81
C LEU B 118 -6.15 -37.16 29.50
N GLN B 119 -5.93 -38.46 29.35
CA GLN B 119 -5.30 -38.97 28.13
C GLN B 119 -6.24 -38.93 26.94
N GLU B 120 -7.55 -39.04 27.17
CA GLU B 120 -8.52 -38.88 26.09
C GLU B 120 -8.52 -37.46 25.56
N ALA B 121 -8.34 -36.48 26.44
CA ALA B 121 -8.25 -35.08 26.01
C ALA B 121 -7.01 -34.83 25.18
N LEU B 122 -5.87 -35.41 25.59
CA LEU B 122 -4.65 -35.30 24.79
C LEU B 122 -4.79 -36.02 23.45
N ASN B 123 -5.53 -37.13 23.42
CA ASN B 123 -5.79 -37.82 22.15
C ASN B 123 -6.67 -36.97 21.22
N ASP B 124 -7.68 -36.30 21.79
CA ASP B 124 -8.51 -35.42 20.98
C ASP B 124 -7.76 -34.18 20.51
N PHE B 125 -6.82 -33.69 21.32
CA PHE B 125 -6.02 -32.55 20.91
C PHE B 125 -5.02 -32.94 19.83
N LYS B 126 -4.46 -34.14 19.91
CA LYS B 126 -3.62 -34.64 18.83
C LYS B 126 -4.43 -34.93 17.58
N SER B 127 -5.72 -35.26 17.75
CA SER B 127 -6.59 -35.44 16.60
C SER B 127 -6.85 -34.12 15.88
N ILE B 128 -7.32 -33.11 16.62
CA ILE B 128 -7.71 -31.86 15.99
C ILE B 128 -6.50 -31.01 15.60
N TRP B 129 -5.37 -31.15 16.29
CA TRP B 129 -4.19 -30.37 15.95
C TRP B 129 -3.53 -30.88 14.68
N ASN B 130 -3.64 -32.17 14.40
CA ASN B 130 -3.02 -32.76 13.23
C ASN B 130 -4.10 -33.37 12.33
N ASN B 131 -5.17 -32.62 12.10
CA ASN B 131 -6.29 -33.08 11.29
C ASN B 131 -6.01 -32.73 9.83
N ARG B 132 -7.01 -32.87 8.96
CA ARG B 132 -6.88 -32.52 7.56
C ARG B 132 -7.60 -31.23 7.21
N TRP B 133 -8.89 -31.12 7.55
CA TRP B 133 -9.66 -29.96 7.16
C TRP B 133 -9.37 -28.76 8.05
N LEU B 134 -9.18 -28.99 9.35
CA LEU B 134 -8.98 -27.94 10.34
C LEU B 134 -7.51 -27.87 10.78
N ARG B 135 -6.58 -28.06 9.86
CA ARG B 135 -5.16 -28.08 10.19
C ARG B 135 -4.49 -26.73 10.02
N THR B 136 -5.19 -25.72 9.51
CA THR B 136 -4.62 -24.38 9.33
C THR B 136 -5.38 -23.34 10.14
N ILE B 137 -5.95 -23.77 11.27
CA ILE B 137 -6.71 -22.88 12.15
C ILE B 137 -6.03 -22.89 13.52
N SER B 138 -5.75 -21.71 14.06
CA SER B 138 -5.12 -21.60 15.36
C SER B 138 -6.13 -21.96 16.46
N VAL B 139 -5.61 -22.57 17.52
CA VAL B 139 -6.43 -23.17 18.56
C VAL B 139 -6.22 -22.41 19.87
N ILE B 140 -7.29 -21.91 20.44
CA ILE B 140 -7.29 -21.39 21.80
C ILE B 140 -7.55 -22.55 22.74
N LEU B 141 -6.82 -22.60 23.84
CA LEU B 141 -6.87 -23.71 24.78
C LEU B 141 -7.23 -23.16 26.15
N PHE B 142 -8.29 -23.70 26.74
CA PHE B 142 -8.79 -23.25 28.04
C PHE B 142 -8.64 -24.38 29.03
N LEU B 143 -7.67 -24.28 29.94
CA LEU B 143 -7.48 -25.28 30.98
C LEU B 143 -8.40 -24.91 32.15
N ASN B 144 -9.65 -25.34 32.03
CA ASN B 144 -10.70 -24.98 32.96
C ASN B 144 -10.54 -25.74 34.27
N LYS B 145 -11.29 -25.27 35.29
CA LYS B 145 -11.40 -25.89 36.61
C LYS B 145 -10.05 -25.98 37.31
N GLN B 146 -9.28 -24.88 37.26
CA GLN B 146 -8.04 -24.82 38.03
C GLN B 146 -8.31 -24.71 39.52
N ASP B 147 -9.46 -24.12 39.90
CA ASP B 147 -9.86 -24.10 41.29
C ASP B 147 -10.18 -25.50 41.81
N LEU B 148 -10.73 -26.36 40.95
CA LEU B 148 -10.92 -27.75 41.33
C LEU B 148 -9.60 -28.51 41.36
N LEU B 149 -8.64 -28.10 40.53
CA LEU B 149 -7.30 -28.71 40.57
C LEU B 149 -6.57 -28.34 41.86
N ALA B 150 -6.81 -27.13 42.38
CA ALA B 150 -6.18 -26.72 43.63
C ALA B 150 -6.63 -27.55 44.81
N GLU B 151 -7.83 -28.13 44.74
CA GLU B 151 -8.30 -29.06 45.75
C GLU B 151 -7.95 -30.50 45.43
N LYS B 152 -7.90 -30.86 44.15
CA LYS B 152 -7.60 -32.23 43.76
C LYS B 152 -6.11 -32.57 43.83
N VAL B 153 -5.24 -31.57 43.93
CA VAL B 153 -3.82 -31.86 44.12
C VAL B 153 -3.52 -32.20 45.57
N LEU B 154 -4.00 -31.37 46.50
CA LEU B 154 -3.71 -31.51 47.93
C LEU B 154 -4.52 -32.68 48.49
N ALA B 155 -4.01 -33.88 48.25
CA ALA B 155 -4.67 -35.10 48.72
C ALA B 155 -3.65 -36.19 49.01
N LYS B 159 -2.40 -38.04 43.65
CA LYS B 159 -1.24 -37.37 43.09
C LYS B 159 -1.24 -37.43 41.58
N ILE B 160 -0.72 -36.38 40.94
CA ILE B 160 -0.66 -36.34 39.48
C ILE B 160 0.41 -37.26 38.92
N GLU B 161 1.39 -37.65 39.74
CA GLU B 161 2.44 -38.56 39.31
C GLU B 161 1.97 -40.00 39.18
N ASP B 162 0.80 -40.33 39.73
CA ASP B 162 0.28 -41.69 39.64
C ASP B 162 -0.30 -41.99 38.26
N TYR B 163 -1.17 -41.11 37.76
CA TYR B 163 -1.81 -41.36 36.47
C TYR B 163 -0.85 -41.12 35.31
N PHE B 164 0.11 -40.22 35.47
CA PHE B 164 1.14 -39.98 34.46
C PHE B 164 2.48 -40.11 35.18
N PRO B 165 3.34 -41.06 34.78
CA PRO B 165 4.51 -41.39 35.61
C PRO B 165 5.63 -40.36 35.57
N GLU B 166 5.86 -39.74 34.42
CA GLU B 166 6.99 -38.83 34.25
C GLU B 166 6.62 -37.39 34.59
N PHE B 167 6.04 -37.19 35.78
CA PHE B 167 5.77 -35.82 36.24
C PHE B 167 6.98 -35.24 36.96
N ALA B 168 7.67 -36.06 37.76
CA ALA B 168 8.81 -35.60 38.53
C ALA B 168 10.03 -35.31 37.64
N ARG B 169 10.06 -35.86 36.42
CA ARG B 169 11.12 -35.50 35.48
C ARG B 169 10.97 -34.07 35.00
N TYR B 170 9.75 -33.55 34.96
CA TYR B 170 9.49 -32.16 34.63
C TYR B 170 9.48 -31.31 35.89
N THR B 171 9.91 -30.06 35.75
CA THR B 171 9.93 -29.11 36.84
C THR B 171 9.30 -27.80 36.39
N THR B 172 9.06 -26.92 37.35
CA THR B 172 8.52 -25.60 37.05
C THR B 172 9.56 -24.78 36.29
N PRO B 173 9.29 -24.37 35.06
CA PRO B 173 10.32 -23.74 34.23
C PRO B 173 10.45 -22.26 34.52
N GLU B 174 11.32 -21.61 33.75
CA GLU B 174 11.46 -20.17 33.81
C GLU B 174 10.39 -19.50 32.94
N ASP B 175 10.34 -18.16 33.04
CA ASP B 175 9.40 -17.31 32.31
C ASP B 175 7.94 -17.66 32.59
N ALA B 176 7.66 -18.11 33.82
N ALA B 176 7.66 -18.11 33.82
CA ALA B 176 6.32 -18.49 34.24
CA ALA B 176 6.32 -18.49 34.24
C ALA B 176 5.89 -17.62 35.41
C ALA B 176 5.89 -17.62 35.41
N THR B 177 4.61 -17.23 35.41
CA THR B 177 4.09 -16.38 36.46
C THR B 177 2.72 -16.84 36.92
N PRO B 178 2.60 -17.43 38.11
CA PRO B 178 1.28 -17.78 38.63
C PRO B 178 0.56 -16.60 39.25
N GLU B 179 -0.58 -16.85 39.88
CA GLU B 179 -1.33 -15.82 40.60
C GLU B 179 -0.71 -15.61 41.98
N PRO B 180 -1.24 -14.69 42.76
CA PRO B 180 -0.66 -14.41 44.08
C PRO B 180 -1.03 -15.49 45.09
N GLY B 181 -0.03 -15.88 45.88
CA GLY B 181 -0.21 -16.94 46.86
C GLY B 181 -0.45 -18.30 46.24
N GLU B 182 0.55 -18.80 45.53
CA GLU B 182 0.43 -20.05 44.78
C GLU B 182 1.37 -21.10 45.35
N ASP B 183 0.86 -22.32 45.51
CA ASP B 183 1.67 -23.45 45.91
C ASP B 183 2.51 -23.94 44.73
N PRO B 184 3.78 -24.27 44.95
CA PRO B 184 4.65 -24.65 43.81
C PRO B 184 4.29 -25.99 43.19
N ARG B 185 3.72 -26.92 43.96
CA ARG B 185 3.32 -28.21 43.38
C ARG B 185 2.10 -28.06 42.48
N VAL B 186 1.16 -27.19 42.85
CA VAL B 186 -0.03 -26.96 42.03
C VAL B 186 0.34 -26.30 40.71
N THR B 187 1.21 -25.28 40.77
CA THR B 187 1.71 -24.64 39.56
C THR B 187 2.57 -25.60 38.74
N ARG B 188 3.30 -26.51 39.40
CA ARG B 188 4.08 -27.51 38.67
C ARG B 188 3.18 -28.48 37.92
N ALA B 189 2.06 -28.87 38.52
CA ALA B 189 1.12 -29.76 37.83
C ALA B 189 0.41 -29.05 36.68
N LYS B 190 -0.01 -27.80 36.90
CA LYS B 190 -0.68 -27.03 35.85
C LYS B 190 0.25 -26.77 34.67
N TYR B 191 1.48 -26.37 34.94
CA TYR B 191 2.44 -26.20 33.87
C TYR B 191 2.90 -27.52 33.27
N PHE B 192 2.78 -28.63 34.01
CA PHE B 192 3.06 -29.94 33.44
C PHE B 192 2.03 -30.32 32.38
N ILE B 193 0.75 -30.11 32.68
CA ILE B 193 -0.23 -30.47 31.66
C ILE B 193 -0.26 -29.44 30.52
N ARG B 194 0.07 -28.18 30.81
CA ARG B 194 0.22 -27.20 29.73
C ARG B 194 1.42 -27.55 28.84
N ASP B 195 2.52 -28.02 29.43
CA ASP B 195 3.67 -28.45 28.65
C ASP B 195 3.38 -29.72 27.88
N GLU B 196 2.50 -30.58 28.40
CA GLU B 196 2.05 -31.74 27.63
C GLU B 196 1.26 -31.31 26.39
N PHE B 197 0.32 -30.36 26.57
CA PHE B 197 -0.44 -29.84 25.44
C PHE B 197 0.44 -29.08 24.45
N LEU B 198 1.52 -28.46 24.92
CA LEU B 198 2.42 -27.78 24.01
C LEU B 198 3.37 -28.75 23.31
N ARG B 199 3.70 -29.86 23.96
CA ARG B 199 4.46 -30.93 23.30
C ARG B 199 3.65 -31.54 22.17
N ILE B 200 2.34 -31.73 22.40
CA ILE B 200 1.47 -32.14 21.30
C ILE B 200 1.33 -31.02 20.28
N SER B 201 1.37 -29.77 20.73
CA SER B 201 1.20 -28.64 19.81
C SER B 201 2.43 -28.44 18.93
N THR B 202 3.63 -28.69 19.46
CA THR B 202 4.86 -28.46 18.71
C THR B 202 5.26 -29.65 17.82
N ALA B 203 4.32 -30.52 17.46
CA ALA B 203 4.61 -31.72 16.68
C ALA B 203 4.19 -31.57 15.22
N SER B 204 4.33 -30.39 14.64
CA SER B 204 4.02 -30.21 13.22
C SER B 204 5.17 -29.57 12.47
N GLY B 205 5.88 -28.66 13.13
CA GLY B 205 7.01 -27.98 12.52
C GLY B 205 6.65 -27.05 11.38
N ASP B 206 5.42 -26.56 11.35
CA ASP B 206 4.93 -25.77 10.22
C ASP B 206 4.97 -24.26 10.49
N GLY B 207 4.42 -23.83 11.62
CA GLY B 207 4.25 -22.42 11.85
C GLY B 207 3.16 -21.80 11.00
N ARG B 208 2.19 -22.59 10.57
CA ARG B 208 1.07 -22.10 9.79
C ARG B 208 -0.13 -21.74 10.65
N HIS B 209 -0.17 -22.19 11.90
CA HIS B 209 -1.28 -21.92 12.80
C HIS B 209 -0.79 -22.03 14.24
N TYR B 210 -1.23 -21.09 15.07
CA TYR B 210 -0.71 -20.91 16.41
C TYR B 210 -1.53 -21.72 17.41
N CYS B 211 -1.25 -21.51 18.69
CA CYS B 211 -2.02 -22.10 19.79
C CYS B 211 -1.83 -21.23 21.02
N TYR B 212 -2.92 -20.86 21.66
CA TYR B 212 -2.88 -19.90 22.76
C TYR B 212 -3.46 -20.54 24.02
N PRO B 213 -2.65 -20.89 25.01
CA PRO B 213 -3.20 -21.50 26.23
C PRO B 213 -3.51 -20.49 27.31
N HIS B 214 -4.53 -20.82 28.11
CA HIS B 214 -4.96 -19.99 29.22
C HIS B 214 -5.40 -20.85 30.39
N PHE B 215 -5.24 -20.30 31.60
CA PHE B 215 -5.64 -20.95 32.84
C PHE B 215 -6.85 -20.21 33.38
N THR B 216 -8.04 -20.74 33.11
CA THR B 216 -9.29 -20.11 33.51
C THR B 216 -9.96 -20.92 34.61
N CYS B 217 -10.57 -20.23 35.57
CA CYS B 217 -11.35 -20.90 36.60
C CYS B 217 -12.78 -21.10 36.09
N ALA B 218 -13.65 -21.59 36.98
CA ALA B 218 -14.99 -21.97 36.56
C ALA B 218 -15.88 -20.75 36.34
N VAL B 219 -15.78 -19.74 37.20
CA VAL B 219 -16.70 -18.61 37.18
C VAL B 219 -15.95 -17.32 36.86
N ASP B 220 -14.89 -17.42 36.06
CA ASP B 220 -14.13 -16.23 35.67
C ASP B 220 -14.94 -15.37 34.71
N THR B 221 -14.93 -14.06 34.97
CA THR B 221 -15.64 -13.10 34.13
C THR B 221 -14.75 -12.51 33.05
N GLU B 222 -13.43 -12.66 33.16
CA GLU B 222 -12.48 -12.06 32.23
C GLU B 222 -12.10 -13.00 31.10
N ASN B 223 -13.00 -13.89 30.67
CA ASN B 223 -12.68 -14.88 29.67
C ASN B 223 -13.07 -14.48 28.25
N ALA B 224 -14.05 -13.60 28.09
CA ALA B 224 -14.39 -13.12 26.75
C ALA B 224 -13.34 -12.16 26.20
N ARG B 225 -12.64 -11.43 27.08
CA ARG B 225 -11.54 -10.60 26.62
C ARG B 225 -10.36 -11.44 26.17
N ARG B 226 -10.22 -12.64 26.72
CA ARG B 226 -9.19 -13.58 26.27
C ARG B 226 -9.41 -13.98 24.81
N ILE B 227 -10.63 -14.39 24.48
CA ILE B 227 -10.97 -14.78 23.11
C ILE B 227 -10.93 -13.58 22.18
N PHE B 228 -11.26 -12.38 22.71
CA PHE B 228 -11.16 -11.16 21.92
C PHE B 228 -9.72 -10.87 21.52
N ASN B 229 -8.79 -10.92 22.49
CA ASN B 229 -7.39 -10.64 22.21
C ASN B 229 -6.76 -11.73 21.35
N ASP B 230 -7.16 -12.99 21.52
CA ASP B 230 -6.59 -14.04 20.68
C ASP B 230 -7.11 -13.98 19.25
N CYS B 231 -8.38 -13.62 19.06
CA CYS B 231 -8.87 -13.43 17.70
C CYS B 231 -8.23 -12.22 17.04
N LYS B 232 -7.97 -11.16 17.82
CA LYS B 232 -7.22 -10.01 17.32
C LYS B 232 -5.82 -10.40 16.88
N ASP B 233 -5.15 -11.25 17.67
CA ASP B 233 -3.80 -11.68 17.30
C ASP B 233 -3.78 -12.62 16.10
N ILE B 234 -4.78 -13.49 15.97
CA ILE B 234 -4.86 -14.38 14.81
C ILE B 234 -5.08 -13.57 13.53
N ILE B 235 -6.01 -12.62 13.58
CA ILE B 235 -6.29 -11.80 12.40
C ILE B 235 -5.11 -10.88 12.09
N LEU B 236 -4.37 -10.43 13.11
CA LEU B 236 -3.21 -9.60 12.84
C LEU B 236 -2.06 -10.40 12.24
N GLN B 237 -1.90 -11.68 12.65
CA GLN B 237 -0.89 -12.51 12.01
C GLN B 237 -1.26 -12.82 10.56
N MET B 238 -2.55 -13.02 10.28
CA MET B 238 -2.97 -13.21 8.90
C MET B 238 -2.79 -11.94 8.08
N ASN B 239 -2.99 -10.77 8.69
CA ASN B 239 -2.80 -9.51 7.99
C ASN B 239 -1.32 -9.25 7.72
N LEU B 240 -0.44 -9.65 8.64
CA LEU B 240 0.99 -9.49 8.41
C LEU B 240 1.52 -10.50 7.40
N ARG B 241 0.92 -11.70 7.34
CA ARG B 241 1.29 -12.63 6.29
C ARG B 241 0.78 -12.17 4.93
N GLU B 242 -0.36 -11.45 4.90
CA GLU B 242 -0.94 -11.04 3.63
C GLU B 242 -0.12 -9.92 2.98
N TYR B 243 0.33 -8.95 3.76
CA TYR B 243 1.10 -7.82 3.23
C TYR B 243 2.58 -8.12 3.04
N ASN B 244 2.98 -9.39 3.09
CA ASN B 244 4.36 -9.86 2.94
C ASN B 244 5.31 -9.23 3.97
N LEU B 245 4.80 -8.95 5.17
CA LEU B 245 5.60 -8.38 6.24
C LEU B 245 6.26 -9.42 7.12
N VAL B 246 5.82 -10.67 7.07
CA VAL B 246 6.48 -11.74 7.80
C VAL B 246 6.73 -12.92 6.87
N SER C 39 10.19 44.61 -46.54
CA SER C 39 11.20 45.42 -47.20
C SER C 39 12.43 45.58 -46.32
N LEU C 40 12.21 46.10 -45.11
CA LEU C 40 13.30 46.25 -44.15
C LEU C 40 13.70 44.89 -43.60
N ARG C 41 14.96 44.77 -43.21
CA ARG C 41 15.47 43.49 -42.70
C ARG C 41 15.02 43.26 -41.26
N LEU C 42 15.46 44.12 -40.35
CA LEU C 42 15.23 44.03 -38.90
C LEU C 42 15.62 42.68 -38.32
N ASN C 49 20.06 37.17 -22.54
CA ASN C 49 20.72 35.90 -22.24
C ASN C 49 20.99 35.11 -23.52
N ILE C 50 21.95 34.19 -23.46
CA ILE C 50 22.36 33.39 -24.60
C ILE C 50 22.44 31.94 -24.15
N SER C 51 21.77 31.05 -24.88
CA SER C 51 21.80 29.62 -24.59
C SER C 51 21.99 28.86 -25.90
N ALA C 52 21.83 27.54 -25.85
CA ALA C 52 22.06 26.69 -27.01
C ALA C 52 20.78 26.07 -27.53
N HIS C 53 20.03 25.37 -26.68
CA HIS C 53 18.77 24.77 -27.07
C HIS C 53 17.59 25.73 -26.92
N TRP C 54 17.85 26.98 -26.55
CA TRP C 54 16.81 27.98 -26.48
C TRP C 54 16.37 28.37 -27.89
N LYS C 55 15.05 28.41 -28.11
CA LYS C 55 14.52 28.93 -29.36
C LYS C 55 14.56 30.45 -29.36
N MET C 56 14.62 31.03 -30.55
CA MET C 56 14.59 32.48 -30.74
C MET C 56 13.58 32.80 -31.81
N GLY C 57 12.60 33.65 -31.49
CA GLY C 57 11.53 33.98 -32.41
C GLY C 57 11.35 35.47 -32.57
N TRP C 58 10.47 35.81 -33.50
CA TRP C 58 10.08 37.19 -33.77
C TRP C 58 8.57 37.25 -33.88
N TYR C 59 7.98 38.14 -33.09
CA TYR C 59 6.54 38.39 -33.07
C TYR C 59 6.25 39.79 -33.61
N ARG C 60 5.01 40.01 -34.01
CA ARG C 60 4.55 41.31 -34.48
C ARG C 60 3.43 41.80 -33.58
N GLN C 61 3.66 42.92 -32.90
CA GLN C 61 2.64 43.54 -32.07
C GLN C 61 1.93 44.61 -32.90
N ALA C 62 0.69 44.33 -33.30
CA ALA C 62 -0.06 45.24 -34.15
C ALA C 62 -0.90 46.19 -33.30
N PRO C 63 -1.60 47.14 -33.92
CA PRO C 63 -2.41 48.07 -33.12
C PRO C 63 -3.70 47.43 -32.64
N GLY C 64 -3.77 47.13 -31.34
CA GLY C 64 -4.95 46.56 -30.73
C GLY C 64 -5.04 45.06 -30.79
N LYS C 65 -4.37 44.41 -31.75
CA LYS C 65 -4.43 42.97 -31.88
C LYS C 65 -3.55 42.31 -30.82
N GLU C 66 -3.75 41.00 -30.66
CA GLU C 66 -2.94 40.21 -29.75
C GLU C 66 -1.62 39.84 -30.41
N ARG C 67 -0.71 39.28 -29.61
CA ARG C 67 0.61 38.88 -30.11
C ARG C 67 0.46 37.65 -30.98
N GLU C 68 0.58 37.83 -32.30
CA GLU C 68 0.50 36.74 -33.25
C GLU C 68 1.89 36.21 -33.57
N PHE C 69 1.97 34.90 -33.80
CA PHE C 69 3.25 34.27 -34.13
C PHE C 69 3.64 34.62 -35.56
N VAL C 70 4.92 34.96 -35.74
CA VAL C 70 5.41 35.37 -37.05
C VAL C 70 6.55 34.46 -37.50
N ALA C 71 7.61 34.35 -36.70
CA ALA C 71 8.73 33.51 -37.11
C ALA C 71 9.46 32.96 -35.89
N GLY C 72 10.18 31.85 -36.10
CA GLY C 72 10.99 31.31 -35.02
C GLY C 72 12.00 30.29 -35.50
N ILE C 73 13.22 30.32 -34.95
CA ILE C 73 14.27 29.36 -35.29
C ILE C 73 14.84 28.80 -34.00
N GLY C 74 15.06 27.48 -33.99
CA GLY C 74 15.63 26.83 -32.82
C GLY C 74 16.68 25.82 -33.23
N TYR C 75 17.23 25.15 -32.21
CA TYR C 75 18.21 24.09 -32.45
C TYR C 75 17.56 22.83 -33.00
N ALA C 76 16.22 22.70 -32.89
CA ALA C 76 15.53 21.50 -33.34
C ALA C 76 14.67 21.71 -34.57
N ASN C 77 14.21 22.92 -34.85
CA ASN C 77 13.35 23.17 -36.00
C ASN C 77 13.44 24.65 -36.36
N THR C 78 12.70 25.04 -37.40
CA THR C 78 12.59 26.44 -37.81
C THR C 78 11.18 26.63 -38.36
N ASN C 79 10.32 27.26 -37.57
CA ASN C 79 8.92 27.42 -37.91
C ASN C 79 8.61 28.83 -38.39
N TYR C 80 7.65 28.93 -39.32
CA TYR C 80 7.25 30.21 -39.87
C TYR C 80 5.74 30.40 -39.71
N ALA C 81 5.20 31.44 -40.32
CA ALA C 81 3.76 31.68 -40.35
C ALA C 81 3.31 31.81 -41.80
N ASP C 82 2.00 31.81 -41.99
CA ASP C 82 1.44 31.90 -43.34
C ASP C 82 1.52 33.31 -43.89
N SER C 83 1.55 34.33 -43.02
CA SER C 83 1.57 35.72 -43.48
C SER C 83 2.93 36.10 -44.05
N VAL C 84 4.00 35.50 -43.53
CA VAL C 84 5.36 35.86 -43.95
C VAL C 84 6.08 34.62 -44.46
N LYS C 85 5.34 33.70 -45.07
CA LYS C 85 5.92 32.45 -45.54
C LYS C 85 6.90 32.65 -46.69
N GLY C 86 6.69 33.68 -47.51
CA GLY C 86 7.59 33.96 -48.61
C GLY C 86 8.22 35.33 -48.57
N ARG C 87 7.54 36.28 -47.93
CA ARG C 87 7.99 37.66 -47.93
C ARG C 87 8.99 38.00 -46.84
N PHE C 88 9.27 37.07 -45.93
CA PHE C 88 10.19 37.35 -44.82
C PHE C 88 10.84 36.05 -44.37
N THR C 89 12.16 35.98 -44.47
CA THR C 89 12.93 34.85 -43.97
C THR C 89 13.54 35.21 -42.61
N ILE C 90 14.25 34.25 -42.02
CA ILE C 90 14.83 34.41 -40.69
C ILE C 90 16.34 34.25 -40.80
N SER C 91 17.04 34.70 -39.75
CA SER C 91 18.48 34.56 -39.68
C SER C 91 18.89 34.48 -38.22
N ARG C 92 19.77 33.52 -37.91
CA ARG C 92 20.22 33.29 -36.54
C ARG C 92 21.74 33.12 -36.52
N ASP C 93 22.32 33.38 -35.36
CA ASP C 93 23.74 33.17 -35.16
C ASP C 93 23.99 32.22 -33.99
N THR C 98 23.35 36.77 -32.57
CA THR C 98 22.13 37.55 -32.69
C THR C 98 21.14 36.87 -33.64
N VAL C 99 19.86 37.25 -33.52
CA VAL C 99 18.79 36.66 -34.31
C VAL C 99 17.94 37.80 -34.86
N TYR C 100 17.75 37.82 -36.17
CA TYR C 100 16.98 38.88 -36.81
C TYR C 100 16.25 38.32 -38.03
N LEU C 101 15.12 38.92 -38.35
CA LEU C 101 14.38 38.56 -39.54
C LEU C 101 14.95 39.28 -40.76
N GLN C 102 14.35 39.03 -41.92
CA GLN C 102 14.72 39.73 -43.15
C GLN C 102 13.49 39.71 -44.05
N MET C 103 12.78 40.84 -44.13
CA MET C 103 11.53 40.92 -44.85
C MET C 103 11.73 41.57 -46.21
N ASN C 104 10.87 41.20 -47.15
CA ASN C 104 10.89 41.75 -48.50
C ASN C 104 9.46 42.10 -48.90
N SER C 105 9.23 43.37 -49.21
CA SER C 105 7.92 43.94 -49.57
C SER C 105 6.84 43.67 -48.53
N THR C 111 1.41 46.28 -37.83
CA THR C 111 2.35 45.66 -38.75
C THR C 111 3.65 46.44 -38.83
N ALA C 112 3.87 47.33 -37.86
CA ALA C 112 5.05 48.16 -37.81
C ALA C 112 5.89 47.98 -36.55
N VAL C 113 5.38 47.29 -35.54
CA VAL C 113 6.08 47.07 -34.28
C VAL C 113 6.34 45.58 -34.14
N TYR C 114 7.59 45.22 -33.83
CA TYR C 114 7.98 43.82 -33.71
C TYR C 114 8.71 43.60 -32.39
N TYR C 115 8.75 42.34 -31.98
CA TYR C 115 9.37 41.93 -30.72
C TYR C 115 10.26 40.72 -30.98
N CYS C 116 11.55 40.87 -30.67
CA CYS C 116 12.49 39.76 -30.75
C CYS C 116 12.52 39.06 -29.40
N ALA C 117 12.17 37.77 -29.40
CA ALA C 117 12.04 37.01 -28.17
C ALA C 117 12.95 35.79 -28.20
N ALA C 118 13.24 35.26 -27.02
CA ALA C 118 14.04 34.05 -26.87
C ALA C 118 13.52 33.31 -25.65
N TYR C 119 13.37 32.00 -25.78
CA TYR C 119 12.65 31.22 -24.77
C TYR C 119 13.14 29.79 -24.84
N SER C 120 12.51 28.92 -24.05
CA SER C 120 12.87 27.52 -23.97
C SER C 120 11.79 26.67 -24.62
N TYR C 121 12.05 25.36 -24.67
CA TYR C 121 11.12 24.42 -25.28
C TYR C 121 10.23 23.72 -24.27
N TYR C 122 10.71 23.51 -23.05
CA TYR C 122 9.97 22.79 -22.02
C TYR C 122 9.89 23.53 -20.69
N ARG C 123 10.94 24.24 -20.29
CA ARG C 123 10.90 24.99 -19.04
C ARG C 123 10.31 26.37 -19.26
N ASP C 124 9.64 26.88 -18.23
CA ASP C 124 8.87 28.13 -18.34
C ASP C 124 9.79 29.33 -18.15
N HIS C 125 10.69 29.52 -19.12
CA HIS C 125 11.58 30.67 -19.15
C HIS C 125 11.26 31.53 -20.37
N SER C 126 11.82 32.72 -20.38
CA SER C 126 11.58 33.70 -21.44
C SER C 126 12.63 34.80 -21.35
N TYR C 127 12.90 35.44 -22.48
CA TYR C 127 13.80 36.58 -22.54
C TYR C 127 13.34 37.46 -23.70
N TRP C 128 12.62 38.52 -23.37
CA TRP C 128 12.03 39.38 -24.39
C TRP C 128 12.89 40.62 -24.64
OAC E5E D . 4.86 20.79 -12.44
CAJ E5E D . 4.63 19.43 -12.16
CAG E5E D . 4.93 18.47 -13.10
CAI E5E D . 4.12 19.08 -10.93
OAB E5E D . 3.83 20.07 -9.99
CAE E5E D . 3.89 17.75 -10.64
CAF E5E D . 4.18 16.78 -11.57
CAK E5E D . 4.71 17.13 -12.81
CAL E5E D . 5.02 16.06 -13.84
OAD E5E D . 5.50 16.67 -15.01
CAH E5E D . 6.09 15.10 -13.32
NAA E5E D . 6.81 14.52 -14.44
#